data_3UUA
#
_entry.id   3UUA
#
_cell.length_a   54.700
_cell.length_b   81.950
_cell.length_c   58.880
_cell.angle_alpha   90.00
_cell.angle_beta   110.74
_cell.angle_gamma   90.00
#
_symmetry.space_group_name_H-M   'P 1 21 1'
#
loop_
_entity.id
_entity.type
_entity.pdbx_description
1 polymer 'Estrogen receptor'
2 polymer 'Estrogen receptor'
3 polymer 'Nuclear receptor coactivator 1'
4 non-polymer "4,4'-(1,1,1,3,3,3-hexafluoropropane-2,2-diyl)diphenol"
5 water water
#
loop_
_entity_poly.entity_id
_entity_poly.type
_entity_poly.pdbx_seq_one_letter_code
_entity_poly.pdbx_strand_id
1 'polypeptide(L)'
;KKNSLALSLTADQMVSALLDAEPPILYSEYDPTRPFSEASMMGLLTNLADRELVHMINWAKRVPGFVDLTLHDQVHLLE
(CSO)AWLEILMIGLVWRSMEHPGKLLFAPNLLLDRNQGKCVEGMVEIFDMLLATSSRFRMMNLQGEEFVCLKSIILLNS
GVYTFLSSTLKSLEEKDHIHRVLDKITDTLIHLMAKAGLTLQQQHQRLAQLLLILSHIRHMSNKGMEHLYSMKCKNVVPL
SDLLLEMLDAHRLHAP
;
A
2 'polypeptide(L)'
;KKNSLALSLTADQMVSALLDAEPPILYSEYDPTRPFSEASMMGLLTNLADRELVHMINWAKRVPGFVDLTLHDQVHLLE
(CSO)AWLEILMIGLVWRSMEHPGKLLFAPNLLLDRNQGKCVEGMVEIFDMLLATSSRFRMMNLQGEEFVCLKSIILLNS
GVYTFLSSTLKSLEEKDHIHRVLDKITDTLIHLMAKAGLTLQQQHQRLAQLLLILSHIRHMSNKGMEHLYSMK(CSO)KN
VVPLSDLLLEMLDAHRLHAP
;
B
3 'polypeptide(L)' RHKILHRLLQEGS F,G
#
loop_
_chem_comp.id
_chem_comp.type
_chem_comp.name
_chem_comp.formula
0CZ non-polymer 4,4'-(1,1,1,3,3,3-hexafluoropropane-2,2-diyl)diphenol 'C15 H10 F6 O2'
#
# COMPACT_ATOMS: atom_id res chain seq x y z
N SER A 4 22.04 -15.19 14.05
CA SER A 4 21.48 -13.87 13.77
C SER A 4 21.08 -13.16 15.06
N LEU A 5 21.62 -11.98 15.27
CA LEU A 5 21.31 -11.19 16.47
C LEU A 5 19.86 -10.75 16.49
N ALA A 6 19.30 -10.48 15.31
CA ALA A 6 17.94 -9.95 15.22
C ALA A 6 16.87 -10.93 15.69
N LEU A 7 16.94 -12.16 15.20
CA LEU A 7 15.91 -13.17 15.49
C LEU A 7 15.90 -13.60 16.96
N SER A 8 16.75 -12.98 17.77
CA SER A 8 16.97 -13.42 19.15
C SER A 8 16.62 -12.37 20.20
N LEU A 9 16.28 -11.16 19.77
CA LEU A 9 15.91 -10.12 20.71
C LEU A 9 14.54 -10.36 21.35
N THR A 10 14.35 -9.82 22.55
CA THR A 10 13.06 -9.85 23.21
C THR A 10 12.24 -8.64 22.75
N ALA A 11 10.92 -8.71 22.91
CA ALA A 11 10.06 -7.59 22.56
C ALA A 11 10.67 -6.28 23.05
N ASP A 12 11.01 -6.22 24.33
CA ASP A 12 11.54 -5.01 24.94
C ASP A 12 12.87 -4.56 24.35
N GLN A 13 13.76 -5.51 24.05
CA GLN A 13 15.04 -5.20 23.43
C GLN A 13 14.84 -4.69 22.00
N MET A 14 13.86 -5.26 21.31
CA MET A 14 13.50 -4.81 19.97
C MET A 14 13.09 -3.34 20.00
N VAL A 15 12.20 -3.00 20.93
CA VAL A 15 11.73 -1.63 21.08
C VAL A 15 12.87 -0.70 21.47
N SER A 16 13.73 -1.15 22.37
CA SER A 16 14.90 -0.36 22.77
C SER A 16 15.79 -0.08 21.56
N ALA A 17 16.09 -1.13 20.81
CA ALA A 17 16.96 -1.03 19.64
C ALA A 17 16.46 0.01 18.63
N LEU A 18 15.17 -0.04 18.33
CA LEU A 18 14.58 0.87 17.36
C LEU A 18 14.52 2.30 17.89
N LEU A 19 14.08 2.47 19.14
CA LEU A 19 14.06 3.78 19.76
C LEU A 19 15.46 4.41 19.75
N ASP A 20 16.47 3.58 19.96
CA ASP A 20 17.86 4.03 19.98
C ASP A 20 18.34 4.51 18.61
N ALA A 21 17.82 3.89 17.57
CA ALA A 21 18.30 4.13 16.20
C ALA A 21 17.60 5.29 15.52
N GLU A 22 16.64 5.90 16.19
CA GLU A 22 15.89 7.02 15.65
C GLU A 22 16.81 8.14 15.13
N PRO A 23 16.61 8.53 13.87
CA PRO A 23 17.38 9.66 13.33
C PRO A 23 16.92 10.96 13.98
N PRO A 24 17.74 12.00 13.91
CA PRO A 24 17.40 13.29 14.51
C PRO A 24 16.44 14.09 13.63
N ILE A 25 15.78 15.08 14.22
CA ILE A 25 14.94 15.99 13.46
C ILE A 25 15.79 17.13 12.94
N LEU A 26 15.77 17.33 11.63
CA LEU A 26 16.68 18.30 11.01
C LEU A 26 16.02 19.65 10.82
N TYR A 27 16.85 20.68 10.70
CA TYR A 27 16.36 22.01 10.41
C TYR A 27 16.45 22.30 8.92
N SER A 28 15.64 23.25 8.47
CA SER A 28 15.64 23.67 7.08
C SER A 28 16.30 25.04 6.98
N GLU A 29 16.43 25.54 5.75
CA GLU A 29 17.02 26.85 5.53
C GLU A 29 15.91 27.91 5.43
N TYR A 30 14.72 27.56 5.90
CA TYR A 30 13.58 28.47 5.85
C TYR A 30 13.86 29.77 6.57
N ASP A 31 13.55 30.89 5.93
CA ASP A 31 13.69 32.21 6.51
C ASP A 31 12.34 32.92 6.48
N PRO A 32 11.64 32.96 7.63
CA PRO A 32 10.27 33.49 7.67
C PRO A 32 10.24 34.97 7.33
N THR A 33 11.39 35.61 7.40
CA THR A 33 11.53 37.01 7.01
C THR A 33 11.37 37.13 5.50
N ARG A 34 11.71 36.05 4.79
CA ARG A 34 11.54 36.01 3.35
C ARG A 34 10.19 35.40 2.98
N PRO A 35 9.37 36.16 2.23
CA PRO A 35 8.21 35.56 1.57
C PRO A 35 8.72 34.61 0.51
N PHE A 36 7.89 33.69 0.03
CA PHE A 36 8.39 32.62 -0.82
C PHE A 36 7.62 32.40 -2.11
N SER A 37 8.21 31.59 -2.98
CA SER A 37 7.57 31.18 -4.22
C SER A 37 7.30 29.68 -4.14
N GLU A 38 6.50 29.19 -5.07
CA GLU A 38 6.26 27.75 -5.16
C GLU A 38 7.57 27.02 -5.34
N ALA A 39 8.37 27.51 -6.28
CA ALA A 39 9.65 26.91 -6.62
C ALA A 39 10.66 26.93 -5.47
N SER A 40 10.80 28.07 -4.79
CA SER A 40 11.75 28.19 -3.69
C SER A 40 11.40 27.29 -2.52
N MET A 41 10.12 27.25 -2.16
CA MET A 41 9.65 26.41 -1.06
C MET A 41 9.92 24.95 -1.39
N MET A 42 9.90 24.65 -2.68
CA MET A 42 10.22 23.31 -3.17
C MET A 42 11.71 23.03 -3.13
N GLY A 43 12.52 24.08 -3.25
CA GLY A 43 13.95 23.95 -3.10
C GLY A 43 14.29 23.61 -1.66
N LEU A 44 13.66 24.32 -0.72
CA LEU A 44 13.89 24.11 0.71
C LEU A 44 13.52 22.69 1.13
N LEU A 45 12.37 22.21 0.64
CA LEU A 45 11.90 20.87 0.97
C LEU A 45 12.80 19.79 0.36
N THR A 46 13.30 20.06 -0.85
CA THR A 46 14.18 19.13 -1.56
C THR A 46 15.52 19.02 -0.85
N ASN A 47 16.08 20.16 -0.47
CA ASN A 47 17.33 20.20 0.27
C ASN A 47 17.20 19.42 1.58
N LEU A 48 16.05 19.57 2.24
CA LEU A 48 15.78 18.90 3.51
C LEU A 48 15.68 17.38 3.35
N ALA A 49 14.89 16.93 2.38
CA ALA A 49 14.70 15.50 2.15
C ALA A 49 16.03 14.84 1.81
N ASP A 50 16.86 15.53 1.03
CA ASP A 50 18.17 15.03 0.66
C ASP A 50 19.05 14.76 1.88
N ARG A 51 18.96 15.65 2.88
CA ARG A 51 19.72 15.50 4.11
C ARG A 51 19.14 14.41 5.01
N GLU A 52 17.81 14.30 5.05
CA GLU A 52 17.16 13.24 5.79
C GLU A 52 17.54 11.88 5.24
N LEU A 53 17.62 11.80 3.92
CA LEU A 53 17.96 10.55 3.24
C LEU A 53 19.26 9.98 3.76
N VAL A 54 20.27 10.83 3.91
CA VAL A 54 21.57 10.40 4.42
C VAL A 54 21.43 9.80 5.81
N HIS A 55 20.65 10.46 6.67
CA HIS A 55 20.38 9.94 8.00
C HIS A 55 19.59 8.64 7.94
N MET A 56 18.65 8.56 6.99
CA MET A 56 17.82 7.37 6.86
C MET A 56 18.65 6.14 6.52
N ILE A 57 19.58 6.30 5.58
CA ILE A 57 20.43 5.20 5.15
C ILE A 57 21.23 4.62 6.31
N ASN A 58 21.74 5.48 7.17
CA ASN A 58 22.50 5.02 8.33
C ASN A 58 21.59 4.51 9.45
N TRP A 59 20.34 4.97 9.43
CA TRP A 59 19.34 4.44 10.36
C TRP A 59 19.00 3.00 9.97
N ALA A 60 18.87 2.76 8.67
CA ALA A 60 18.52 1.45 8.14
C ALA A 60 19.51 0.38 8.61
N LYS A 61 20.78 0.75 8.66
CA LYS A 61 21.83 -0.17 9.09
C LYS A 61 21.59 -0.65 10.52
N ARG A 62 20.85 0.13 11.29
CA ARG A 62 20.64 -0.14 12.70
C ARG A 62 19.32 -0.85 12.99
N VAL A 63 18.55 -1.12 11.94
CA VAL A 63 17.32 -1.88 12.08
C VAL A 63 17.66 -3.37 12.10
N PRO A 64 17.31 -4.07 13.19
CA PRO A 64 17.68 -5.47 13.37
C PRO A 64 17.39 -6.31 12.12
N GLY A 65 18.42 -6.98 11.61
CA GLY A 65 18.24 -7.88 10.49
C GLY A 65 18.62 -7.29 9.14
N PHE A 66 18.55 -5.97 9.02
CA PHE A 66 18.86 -5.32 7.75
C PHE A 66 20.28 -5.61 7.30
N VAL A 67 21.22 -5.54 8.23
CA VAL A 67 22.64 -5.71 7.91
C VAL A 67 22.96 -7.14 7.44
N ASP A 68 22.05 -8.08 7.69
CA ASP A 68 22.27 -9.47 7.34
C ASP A 68 22.08 -9.76 5.85
N LEU A 69 21.59 -8.77 5.13
CA LEU A 69 21.28 -8.95 3.70
C LEU A 69 22.44 -8.51 2.81
N THR A 70 22.43 -8.96 1.56
CA THR A 70 23.42 -8.51 0.59
C THR A 70 23.25 -7.02 0.34
N LEU A 71 24.35 -6.34 0.01
CA LEU A 71 24.31 -4.95 -0.38
C LEU A 71 23.24 -4.76 -1.45
N HIS A 72 23.14 -5.73 -2.36
CA HIS A 72 22.16 -5.68 -3.43
C HIS A 72 20.73 -5.65 -2.89
N ASP A 73 20.45 -6.48 -1.88
CA ASP A 73 19.13 -6.50 -1.27
C ASP A 73 18.84 -5.24 -0.46
N GLN A 74 19.87 -4.75 0.22
CA GLN A 74 19.73 -3.53 1.01
C GLN A 74 19.39 -2.35 0.11
N VAL A 75 20.13 -2.22 -0.98
CA VAL A 75 19.89 -1.16 -1.95
C VAL A 75 18.46 -1.19 -2.46
N HIS A 76 17.98 -2.39 -2.79
CA HIS A 76 16.64 -2.55 -3.34
C HIS A 76 15.56 -2.10 -2.36
N LEU A 77 15.68 -2.52 -1.11
CA LEU A 77 14.69 -2.18 -0.10
C LEU A 77 14.56 -0.68 0.09
N LEU A 78 15.70 0.01 0.14
CA LEU A 78 15.72 1.45 0.34
C LEU A 78 15.22 2.20 -0.88
N GLU A 79 15.57 1.73 -2.07
CA GLU A 79 15.07 2.32 -3.30
C GLU A 79 13.55 2.24 -3.33
N CSO A 80 13.01 1.14 -2.83
CA CSO A 80 11.57 0.94 -2.84
CA CSO A 80 11.56 0.91 -2.80
CB CSO A 80 11.23 -0.55 -2.79
CB CSO A 80 11.25 -0.57 -2.61
SG CSO A 80 9.44 -0.73 -2.83
SG CSO A 80 11.75 -1.49 -4.07
C CSO A 80 10.86 1.70 -1.72
O CSO A 80 9.76 2.21 -1.91
OD CSO A 80 8.88 -0.64 -4.51
OD CSO A 80 11.09 -0.73 -5.53
N ALA A 81 11.49 1.79 -0.55
CA ALA A 81 10.84 2.33 0.64
C ALA A 81 11.15 3.78 1.03
N TRP A 82 12.15 4.41 0.42
CA TRP A 82 12.64 5.69 0.92
C TRP A 82 11.59 6.78 1.13
N LEU A 83 10.70 6.98 0.16
CA LEU A 83 9.70 8.04 0.25
C LEU A 83 8.59 7.72 1.24
N GLU A 84 8.27 6.44 1.38
CA GLU A 84 7.31 6.02 2.40
C GLU A 84 7.85 6.34 3.78
N ILE A 85 9.14 6.11 3.95
CA ILE A 85 9.80 6.32 5.24
C ILE A 85 9.90 7.79 5.59
N LEU A 86 10.24 8.62 4.61
CA LEU A 86 10.24 10.07 4.80
C LEU A 86 8.85 10.54 5.18
N MET A 87 7.84 10.01 4.49
CA MET A 87 6.47 10.44 4.67
C MET A 87 5.89 10.07 6.04
N ILE A 88 6.09 8.84 6.48
CA ILE A 88 5.54 8.41 7.78
C ILE A 88 6.23 9.15 8.92
N GLY A 89 7.50 9.46 8.74
CA GLY A 89 8.24 10.27 9.68
C GLY A 89 7.64 11.66 9.76
N LEU A 90 7.29 12.21 8.60
CA LEU A 90 6.70 13.54 8.53
C LEU A 90 5.34 13.61 9.23
N VAL A 91 4.49 12.63 8.97
CA VAL A 91 3.17 12.60 9.57
C VAL A 91 3.27 12.38 11.08
N TRP A 92 4.26 11.60 11.51
CA TRP A 92 4.45 11.35 12.93
C TRP A 92 4.75 12.63 13.71
N ARG A 93 5.68 13.44 13.21
CA ARG A 93 6.06 14.66 13.90
C ARG A 93 5.07 15.81 13.68
N SER A 94 4.12 15.60 12.78
CA SER A 94 3.07 16.59 12.53
C SER A 94 1.82 16.25 13.34
N MET A 95 1.86 15.11 14.02
CA MET A 95 0.71 14.52 14.69
C MET A 95 -0.03 15.48 15.65
N GLU A 96 0.72 16.24 16.44
CA GLU A 96 0.11 17.11 17.43
C GLU A 96 -0.01 18.55 16.95
N HIS A 97 -0.01 18.71 15.63
CA HIS A 97 -0.22 20.02 15.02
C HIS A 97 -1.34 19.91 14.00
N PRO A 98 -2.59 19.75 14.49
CA PRO A 98 -3.75 19.55 13.60
C PRO A 98 -3.78 20.56 12.47
N GLY A 99 -3.88 20.06 11.24
CA GLY A 99 -4.00 20.92 10.08
C GLY A 99 -2.68 21.43 9.54
N LYS A 100 -1.57 21.01 10.15
CA LYS A 100 -0.25 21.47 9.73
C LYS A 100 0.75 20.34 9.57
N LEU A 101 1.67 20.52 8.62
CA LEU A 101 2.77 19.59 8.42
C LEU A 101 4.06 20.17 8.99
N LEU A 102 4.66 19.44 9.92
CA LEU A 102 5.90 19.89 10.54
C LEU A 102 7.11 19.29 9.81
N PHE A 103 7.49 19.92 8.71
CA PHE A 103 8.65 19.48 7.92
C PHE A 103 9.93 19.64 8.75
N ALA A 104 10.00 20.75 9.47
CA ALA A 104 11.11 21.01 10.38
C ALA A 104 10.59 21.85 11.55
N PRO A 105 11.34 21.89 12.66
CA PRO A 105 10.89 22.71 13.79
C PRO A 105 10.71 24.17 13.41
N ASN A 106 11.45 24.64 12.41
CA ASN A 106 11.33 26.02 11.97
C ASN A 106 10.57 26.14 10.66
N LEU A 107 9.81 25.11 10.32
CA LEU A 107 9.03 25.08 9.08
C LEU A 107 7.74 24.28 9.26
N LEU A 108 6.68 24.97 9.65
CA LEU A 108 5.38 24.36 9.91
C LEU A 108 4.34 24.90 8.93
N LEU A 109 3.94 24.07 7.98
CA LEU A 109 3.07 24.51 6.89
C LEU A 109 1.64 24.00 7.01
N ASP A 110 0.68 24.83 6.59
CA ASP A 110 -0.69 24.38 6.41
C ASP A 110 -0.95 24.25 4.91
N ARG A 111 -2.06 23.61 4.55
CA ARG A 111 -2.33 23.31 3.15
C ARG A 111 -2.40 24.55 2.24
N ASN A 112 -2.96 25.63 2.78
CA ASN A 112 -3.09 26.87 2.02
C ASN A 112 -1.80 27.28 1.32
N GLN A 113 -0.68 27.00 1.98
CA GLN A 113 0.64 27.38 1.46
C GLN A 113 1.21 26.30 0.55
N GLY A 114 0.72 25.08 0.73
CA GLY A 114 1.13 23.96 -0.11
C GLY A 114 0.45 24.03 -1.46
N LYS A 115 -0.74 24.62 -1.48
CA LYS A 115 -1.47 24.85 -2.72
C LYS A 115 -0.61 25.73 -3.63
N CYS A 116 0.34 26.43 -3.00
CA CYS A 116 1.15 27.41 -3.70
C CYS A 116 2.05 26.78 -4.77
N VAL A 117 2.21 25.46 -4.70
CA VAL A 117 2.97 24.71 -5.70
C VAL A 117 2.03 23.76 -6.47
N GLU A 118 2.52 23.17 -7.55
CA GLU A 118 1.63 22.53 -8.53
C GLU A 118 1.36 21.05 -8.28
N GLY A 119 0.12 20.73 -7.93
CA GLY A 119 -0.31 19.35 -7.71
C GLY A 119 0.22 18.82 -6.40
N MET A 120 0.82 19.70 -5.61
CA MET A 120 1.38 19.31 -4.33
C MET A 120 0.31 19.26 -3.25
N VAL A 121 -0.77 20.01 -3.47
CA VAL A 121 -1.82 20.13 -2.47
C VAL A 121 -2.56 18.82 -2.26
N GLU A 122 -2.68 18.03 -3.31
CA GLU A 122 -3.33 16.73 -3.21
C GLU A 122 -2.55 15.83 -2.24
N ILE A 123 -1.22 15.91 -2.32
CA ILE A 123 -0.34 15.12 -1.46
C ILE A 123 -0.37 15.63 -0.02
N PHE A 124 -0.29 16.95 0.16
CA PHE A 124 -0.36 17.54 1.49
C PHE A 124 -1.62 17.08 2.22
N ASP A 125 -2.75 17.12 1.51
CA ASP A 125 -4.03 16.75 2.09
C ASP A 125 -4.07 15.28 2.51
N MET A 126 -3.45 14.41 1.71
CA MET A 126 -3.33 13.01 2.07
C MET A 126 -2.47 12.87 3.32
N LEU A 127 -1.36 13.60 3.36
CA LEU A 127 -0.46 13.59 4.51
C LEU A 127 -1.19 14.08 5.76
N LEU A 128 -1.95 15.16 5.60
CA LEU A 128 -2.75 15.70 6.70
C LEU A 128 -3.75 14.66 7.20
N ALA A 129 -4.39 13.97 6.27
CA ALA A 129 -5.38 12.95 6.61
C ALA A 129 -4.77 11.85 7.46
N THR A 130 -3.54 11.46 7.12
CA THR A 130 -2.85 10.39 7.83
C THR A 130 -2.52 10.80 9.26
N SER A 131 -2.00 12.02 9.42
CA SER A 131 -1.71 12.56 10.74
C SER A 131 -2.98 12.59 11.59
N SER A 132 -4.05 13.11 11.01
CA SER A 132 -5.35 13.14 11.69
C SER A 132 -5.73 11.74 12.15
N ARG A 133 -5.46 10.75 11.31
CA ARG A 133 -5.75 9.35 11.62
C ARG A 133 -4.88 8.86 12.77
N PHE A 134 -3.58 9.14 12.70
CA PHE A 134 -2.68 8.83 13.81
C PHE A 134 -3.24 9.42 15.09
N ARG A 135 -3.69 10.67 15.01
CA ARG A 135 -4.17 11.39 16.17
C ARG A 135 -5.39 10.72 16.79
N MET A 136 -6.35 10.33 15.96
CA MET A 136 -7.56 9.70 16.47
C MET A 136 -7.28 8.30 17.05
N MET A 137 -6.28 7.61 16.51
CA MET A 137 -5.88 6.32 17.03
C MET A 137 -5.01 6.47 18.27
N ASN A 138 -4.53 7.68 18.50
CA ASN A 138 -3.58 7.95 19.58
C ASN A 138 -2.36 7.05 19.45
N LEU A 139 -1.71 7.10 18.28
CA LEU A 139 -0.54 6.28 18.01
C LEU A 139 0.59 6.56 18.99
N GLN A 140 1.29 5.51 19.40
CA GLN A 140 2.37 5.64 20.37
C GLN A 140 3.74 5.58 19.71
N GLY A 141 4.73 6.20 20.36
CA GLY A 141 6.08 6.25 19.85
C GLY A 141 6.71 4.90 19.57
N GLU A 142 6.48 3.94 20.46
CA GLU A 142 7.01 2.58 20.28
C GLU A 142 6.31 1.87 19.14
N GLU A 143 5.06 2.21 18.89
CA GLU A 143 4.32 1.65 17.78
C GLU A 143 4.84 2.23 16.47
N PHE A 144 5.07 3.53 16.44
CA PHE A 144 5.56 4.22 15.25
C PHE A 144 6.89 3.67 14.75
N VAL A 145 7.81 3.39 15.66
CA VAL A 145 9.12 2.86 15.27
C VAL A 145 9.00 1.44 14.72
N CYS A 146 8.05 0.66 15.26
CA CYS A 146 7.78 -0.66 14.72
C CYS A 146 7.29 -0.56 13.29
N LEU A 147 6.29 0.31 13.08
CA LEU A 147 5.71 0.52 11.75
C LEU A 147 6.76 0.94 10.72
N LYS A 148 7.64 1.83 11.13
CA LYS A 148 8.65 2.38 10.23
C LYS A 148 9.59 1.29 9.72
N SER A 149 9.94 0.35 10.58
CA SER A 149 10.84 -0.74 10.22
CA SER A 149 10.83 -0.74 10.21
C SER A 149 10.12 -1.81 9.40
N ILE A 150 8.81 -1.92 9.58
CA ILE A 150 8.01 -2.85 8.80
C ILE A 150 8.00 -2.38 7.34
N ILE A 151 7.90 -1.07 7.16
CA ILE A 151 7.90 -0.47 5.84
C ILE A 151 9.21 -0.75 5.10
N LEU A 152 10.33 -0.56 5.78
CA LEU A 152 11.65 -0.80 5.19
C LEU A 152 11.79 -2.24 4.73
N LEU A 153 11.35 -3.18 5.56
CA LEU A 153 11.51 -4.60 5.27
C LEU A 153 10.47 -5.13 4.29
N ASN A 154 9.24 -4.64 4.39
CA ASN A 154 8.13 -5.20 3.62
C ASN A 154 8.00 -4.66 2.20
N SER A 155 8.17 -3.36 2.03
CA SER A 155 7.85 -2.70 0.76
C SER A 155 8.53 -3.27 -0.48
N GLY A 156 9.73 -3.80 -0.32
CA GLY A 156 10.47 -4.31 -1.47
C GLY A 156 10.63 -5.82 -1.55
N VAL A 157 9.98 -6.53 -0.63
CA VAL A 157 10.20 -7.96 -0.45
C VAL A 157 9.60 -8.85 -1.55
N TYR A 158 8.66 -8.29 -2.33
CA TYR A 158 7.99 -9.07 -3.38
C TYR A 158 8.44 -8.75 -4.81
N THR A 159 9.42 -7.85 -4.90
CA THR A 159 9.83 -7.30 -6.16
C THR A 159 11.33 -7.51 -6.32
N PHE A 160 11.91 -8.30 -5.41
CA PHE A 160 13.31 -8.70 -5.49
C PHE A 160 13.65 -9.25 -6.87
N SER A 163 15.70 -13.93 -9.79
CA SER A 163 15.56 -14.49 -8.46
C SER A 163 15.74 -16.01 -8.52
N THR A 164 16.97 -16.45 -8.76
CA THR A 164 17.25 -17.87 -8.95
C THR A 164 17.55 -18.64 -7.66
N LEU A 165 16.50 -19.25 -7.10
CA LEU A 165 16.66 -20.32 -6.12
C LEU A 165 17.12 -19.94 -4.71
N LYS A 166 18.28 -19.32 -4.60
CA LYS A 166 18.88 -19.08 -3.29
C LYS A 166 18.37 -17.80 -2.62
N SER A 167 18.38 -16.70 -3.37
CA SER A 167 17.83 -15.44 -2.91
C SER A 167 16.44 -15.66 -2.30
N LEU A 168 15.85 -16.81 -2.61
CA LEU A 168 14.60 -17.24 -2.00
C LEU A 168 14.74 -17.33 -0.48
N GLU A 169 15.95 -17.59 -0.01
CA GLU A 169 16.23 -17.67 1.41
C GLU A 169 16.45 -16.28 2.01
N GLU A 170 16.77 -15.33 1.14
CA GLU A 170 16.88 -13.93 1.55
C GLU A 170 15.50 -13.43 1.98
N LYS A 171 14.46 -13.88 1.27
CA LYS A 171 13.09 -13.48 1.53
C LYS A 171 12.56 -14.08 2.84
N ASP A 172 12.96 -15.31 3.13
CA ASP A 172 12.49 -16.01 4.33
C ASP A 172 13.05 -15.42 5.63
N HIS A 173 14.29 -14.93 5.58
CA HIS A 173 14.88 -14.24 6.74
C HIS A 173 14.10 -12.97 7.05
N ILE A 174 13.76 -12.23 5.99
CA ILE A 174 13.03 -10.97 6.14
C ILE A 174 11.64 -11.21 6.75
N HIS A 175 10.97 -12.27 6.30
CA HIS A 175 9.65 -12.61 6.81
C HIS A 175 9.70 -13.02 8.28
N ARG A 176 10.81 -13.61 8.71
CA ARG A 176 11.00 -13.98 10.09
C ARG A 176 11.16 -12.74 10.96
N VAL A 177 11.89 -11.75 10.44
CA VAL A 177 12.09 -10.50 11.16
C VAL A 177 10.77 -9.74 11.29
N LEU A 178 10.02 -9.67 10.19
CA LEU A 178 8.71 -9.05 10.21
C LEU A 178 7.82 -9.69 11.26
N ASP A 179 7.86 -11.02 11.34
CA ASP A 179 7.07 -11.74 12.34
C ASP A 179 7.43 -11.31 13.75
N LYS A 180 8.73 -11.07 13.98
CA LYS A 180 9.19 -10.63 15.29
C LYS A 180 8.65 -9.25 15.62
N ILE A 181 8.63 -8.37 14.63
CA ILE A 181 8.13 -7.01 14.82
C ILE A 181 6.62 -7.03 15.09
N THR A 182 5.94 -8.01 14.52
CA THR A 182 4.51 -8.19 14.78
C THR A 182 4.31 -8.61 16.23
N ASP A 183 5.08 -9.60 16.67
CA ASP A 183 5.05 -10.03 18.05
C ASP A 183 5.29 -8.83 18.97
N THR A 184 6.20 -7.96 18.56
CA THR A 184 6.55 -6.78 19.34
C THR A 184 5.36 -5.85 19.52
N LEU A 185 4.60 -5.64 18.45
CA LEU A 185 3.43 -4.76 18.49
C LEU A 185 2.33 -5.32 19.39
N ILE A 186 2.15 -6.63 19.37
CA ILE A 186 1.17 -7.28 20.23
C ILE A 186 1.59 -7.12 21.70
N HIS A 187 2.84 -7.44 21.98
CA HIS A 187 3.41 -7.26 23.31
C HIS A 187 3.03 -5.88 23.86
N LEU A 188 3.29 -4.84 23.08
CA LEU A 188 3.00 -3.47 23.48
C LEU A 188 1.52 -3.24 23.80
N MET A 189 0.65 -3.71 22.92
CA MET A 189 -0.79 -3.53 23.09
C MET A 189 -1.33 -4.29 24.30
N ALA A 190 -0.80 -5.50 24.51
CA ALA A 190 -1.18 -6.29 25.67
C ALA A 190 -0.80 -5.53 26.95
N LYS A 191 0.38 -4.93 26.91
CA LYS A 191 0.88 -4.14 28.04
C LYS A 191 -0.07 -2.99 28.37
N ALA A 192 -0.55 -2.29 27.35
CA ALA A 192 -1.43 -1.15 27.55
C ALA A 192 -2.84 -1.58 27.97
N GLY A 193 -2.99 -2.85 28.32
CA GLY A 193 -4.22 -3.36 28.88
C GLY A 193 -5.36 -3.55 27.90
N LEU A 194 -5.02 -3.90 26.67
CA LEU A 194 -6.03 -4.18 25.66
C LEU A 194 -6.46 -5.65 25.68
N THR A 195 -7.77 -5.87 25.56
CA THR A 195 -8.31 -7.22 25.41
C THR A 195 -7.73 -7.84 24.15
N LEU A 196 -7.82 -9.16 24.05
CA LEU A 196 -7.30 -9.86 22.88
C LEU A 196 -7.92 -9.34 21.60
N GLN A 197 -9.24 -9.16 21.62
CA GLN A 197 -9.98 -8.65 20.47
C GLN A 197 -9.48 -7.26 20.08
N GLN A 198 -9.16 -6.45 21.08
CA GLN A 198 -8.69 -5.09 20.85
C GLN A 198 -7.28 -5.06 20.26
N GLN A 199 -6.43 -5.99 20.70
CA GLN A 199 -5.07 -6.10 20.15
C GLN A 199 -5.14 -6.41 18.66
N HIS A 200 -5.96 -7.40 18.29
CA HIS A 200 -6.12 -7.81 16.91
C HIS A 200 -6.64 -6.66 16.05
N GLN A 201 -7.63 -5.95 16.56
CA GLN A 201 -8.26 -4.86 15.81
C GLN A 201 -7.30 -3.70 15.59
N ARG A 202 -6.58 -3.33 16.65
CA ARG A 202 -5.60 -2.26 16.55
C ARG A 202 -4.46 -2.66 15.62
N LEU A 203 -4.03 -3.91 15.68
CA LEU A 203 -2.98 -4.40 14.80
C LEU A 203 -3.37 -4.20 13.34
N ALA A 204 -4.62 -4.52 13.03
CA ALA A 204 -5.14 -4.38 11.68
C ALA A 204 -5.24 -2.92 11.28
N GLN A 205 -5.73 -2.09 12.19
CA GLN A 205 -5.82 -0.66 11.96
C GLN A 205 -4.45 -0.08 11.61
N LEU A 206 -3.43 -0.48 12.35
CA LEU A 206 -2.08 0.05 12.13
C LEU A 206 -1.51 -0.39 10.78
N LEU A 207 -1.73 -1.65 10.42
CA LEU A 207 -1.17 -2.21 9.19
C LEU A 207 -1.87 -1.70 7.95
N LEU A 208 -3.17 -1.44 8.06
CA LEU A 208 -3.95 -0.92 6.93
C LEU A 208 -3.49 0.48 6.55
N ILE A 209 -2.96 1.21 7.52
CA ILE A 209 -2.43 2.54 7.28
C ILE A 209 -1.24 2.49 6.33
N LEU A 210 -0.51 1.38 6.36
CA LEU A 210 0.64 1.20 5.47
C LEU A 210 0.23 1.18 4.01
N SER A 211 -1.01 0.79 3.74
CA SER A 211 -1.53 0.78 2.38
CA SER A 211 -1.55 0.78 2.38
C SER A 211 -1.68 2.20 1.86
N HIS A 212 -2.16 3.09 2.73
CA HIS A 212 -2.34 4.49 2.36
CA HIS A 212 -2.35 4.50 2.38
C HIS A 212 -1.00 5.18 2.20
N ILE A 213 -0.03 4.80 3.01
CA ILE A 213 1.31 5.37 2.91
C ILE A 213 1.97 4.94 1.60
N ARG A 214 1.77 3.69 1.21
CA ARG A 214 2.26 3.22 -0.08
C ARG A 214 1.63 4.06 -1.19
N HIS A 215 0.34 4.33 -1.06
CA HIS A 215 -0.39 5.13 -2.04
C HIS A 215 0.18 6.54 -2.15
N MET A 216 0.41 7.17 -1.01
CA MET A 216 0.97 8.52 -0.99
C MET A 216 2.36 8.54 -1.64
N SER A 217 3.18 7.56 -1.33
CA SER A 217 4.52 7.47 -1.87
C SER A 217 4.50 7.44 -3.40
N ASN A 218 3.66 6.55 -3.95
CA ASN A 218 3.51 6.44 -5.39
C ASN A 218 3.09 7.76 -6.03
N LYS A 219 2.18 8.47 -5.36
CA LYS A 219 1.73 9.78 -5.84
C LYS A 219 2.85 10.80 -5.78
N GLY A 220 3.60 10.78 -4.69
CA GLY A 220 4.73 11.68 -4.53
C GLY A 220 5.82 11.41 -5.57
N MET A 221 6.05 10.14 -5.86
CA MET A 221 7.08 9.75 -6.82
C MET A 221 6.74 10.31 -8.20
N GLU A 222 5.46 10.27 -8.55
CA GLU A 222 5.00 10.80 -9.82
C GLU A 222 5.15 12.31 -9.84
N HIS A 223 4.99 12.95 -8.69
CA HIS A 223 5.14 14.40 -8.62
C HIS A 223 6.61 14.81 -8.71
N LEU A 224 7.50 13.97 -8.17
CA LEU A 224 8.92 14.25 -8.17
C LEU A 224 9.50 14.11 -9.57
N TYR A 225 9.29 12.94 -10.19
CA TYR A 225 9.66 12.75 -11.59
C TYR A 225 9.20 13.94 -12.46
N SER A 226 8.07 14.52 -12.11
CA SER A 226 7.48 15.59 -12.89
C SER A 226 8.20 16.93 -12.66
N MET A 227 8.58 17.19 -11.41
CA MET A 227 9.38 18.36 -11.08
C MET A 227 10.65 18.39 -11.89
N LYS A 228 11.29 17.23 -11.95
CA LYS A 228 12.52 17.07 -12.68
C LYS A 228 12.34 17.45 -14.14
N CYS A 229 11.40 16.80 -14.82
CA CYS A 229 11.13 17.09 -16.22
C CYS A 229 10.93 18.57 -16.47
N LYS A 230 10.68 19.32 -15.40
CA LYS A 230 10.38 20.75 -15.49
C LYS A 230 11.59 21.65 -15.28
N ASN A 231 12.69 21.09 -14.75
CA ASN A 231 13.94 21.82 -14.62
C ASN A 231 13.78 23.19 -13.96
N VAL A 232 12.71 23.35 -13.17
CA VAL A 232 12.51 24.56 -12.37
C VAL A 232 13.18 24.36 -11.02
N VAL A 233 12.67 23.41 -10.25
CA VAL A 233 13.31 22.95 -9.03
C VAL A 233 14.38 21.92 -9.38
N PRO A 234 15.63 22.19 -9.03
CA PRO A 234 16.74 21.26 -9.23
C PRO A 234 16.77 20.21 -8.13
N LEU A 235 17.04 18.95 -8.49
CA LEU A 235 17.11 17.89 -7.50
C LEU A 235 18.55 17.57 -7.14
N SER A 236 18.76 17.08 -5.92
CA SER A 236 20.07 16.61 -5.51
C SER A 236 20.43 15.36 -6.30
N ASP A 237 21.70 14.95 -6.23
CA ASP A 237 22.21 13.83 -7.02
C ASP A 237 21.76 12.47 -6.49
N LEU A 238 21.83 12.28 -5.17
CA LEU A 238 21.40 11.04 -4.51
C LEU A 238 19.92 10.75 -4.79
N LEU A 239 19.16 11.82 -5.00
CA LEU A 239 17.70 11.82 -5.01
C LEU A 239 17.14 11.63 -6.42
N LEU A 240 17.79 12.27 -7.37
CA LEU A 240 17.57 11.98 -8.78
C LEU A 240 17.80 10.49 -8.94
N GLU A 241 18.81 9.99 -8.24
CA GLU A 241 19.18 8.56 -8.30
C GLU A 241 18.10 7.65 -7.72
N MET A 242 17.56 8.04 -6.55
CA MET A 242 16.51 7.26 -5.91
C MET A 242 15.24 7.31 -6.74
N LEU A 243 14.95 8.48 -7.30
CA LEU A 243 13.82 8.68 -8.18
C LEU A 243 13.91 7.76 -9.39
N ASP A 244 15.09 7.71 -10.01
CA ASP A 244 15.33 6.92 -11.22
C ASP A 244 15.16 5.41 -10.99
N ALA A 245 15.44 4.95 -9.79
CA ALA A 245 15.27 3.54 -9.45
C ALA A 245 13.81 3.11 -9.52
N HIS A 246 12.93 4.07 -9.80
CA HIS A 246 11.50 3.80 -9.89
C HIS A 246 10.97 3.86 -11.33
N ARG A 247 11.37 4.88 -12.08
CA ARG A 247 10.95 5.03 -13.47
C ARG A 247 12.13 4.95 -14.45
N SER B 4 -28.16 -0.02 10.34
CA SER B 4 -27.08 -0.72 9.64
C SER B 4 -26.94 -2.15 10.13
N LEU B 5 -27.43 -3.10 9.32
CA LEU B 5 -27.51 -4.50 9.72
C LEU B 5 -26.16 -5.19 9.90
N ALA B 6 -25.15 -4.75 9.14
CA ALA B 6 -23.85 -5.40 9.10
C ALA B 6 -23.24 -5.74 10.46
N LEU B 7 -23.43 -4.87 11.45
CA LEU B 7 -22.80 -5.02 12.76
C LEU B 7 -23.40 -6.11 13.64
N SER B 8 -24.67 -6.46 13.40
CA SER B 8 -25.37 -7.43 14.21
C SER B 8 -25.14 -8.86 13.74
N LEU B 9 -24.49 -9.01 12.59
CA LEU B 9 -24.17 -10.32 12.05
C LEU B 9 -23.08 -11.01 12.86
N THR B 10 -23.11 -12.34 12.86
CA THR B 10 -22.07 -13.13 13.48
C THR B 10 -20.96 -13.35 12.47
N ALA B 11 -19.80 -13.75 12.97
CA ALA B 11 -18.70 -14.13 12.09
C ALA B 11 -19.16 -15.13 11.04
N ASP B 12 -19.74 -16.25 11.47
CA ASP B 12 -20.31 -17.22 10.52
C ASP B 12 -21.16 -16.56 9.45
N GLN B 13 -22.09 -15.71 9.86
CA GLN B 13 -23.01 -15.05 8.94
C GLN B 13 -22.27 -14.11 7.99
N MET B 14 -21.30 -13.38 8.51
CA MET B 14 -20.51 -12.47 7.70
C MET B 14 -19.80 -13.25 6.59
N VAL B 15 -19.06 -14.28 6.97
CA VAL B 15 -18.37 -15.15 6.02
C VAL B 15 -19.32 -15.67 4.96
N SER B 16 -20.48 -16.15 5.39
CA SER B 16 -21.46 -16.72 4.47
C SER B 16 -22.04 -15.68 3.53
N ALA B 17 -22.29 -14.50 4.05
CA ALA B 17 -22.77 -13.39 3.23
C ALA B 17 -21.75 -13.04 2.15
N LEU B 18 -20.48 -13.03 2.54
CA LEU B 18 -19.39 -12.66 1.62
C LEU B 18 -19.16 -13.72 0.52
N LEU B 19 -18.99 -14.97 0.92
CA LEU B 19 -18.88 -16.08 -0.01
C LEU B 19 -20.03 -16.04 -1.01
N ASP B 20 -21.19 -15.59 -0.52
CA ASP B 20 -22.44 -15.63 -1.27
C ASP B 20 -22.50 -14.52 -2.31
N ALA B 21 -21.91 -13.38 -1.99
CA ALA B 21 -21.94 -12.23 -2.89
C ALA B 21 -20.92 -12.36 -4.00
N GLU B 22 -20.05 -13.36 -3.90
CA GLU B 22 -19.00 -13.58 -4.87
C GLU B 22 -19.51 -13.47 -6.31
N PRO B 23 -18.82 -12.67 -7.13
CA PRO B 23 -19.19 -12.56 -8.54
C PRO B 23 -18.75 -13.81 -9.30
N PRO B 24 -19.33 -14.04 -10.49
CA PRO B 24 -19.01 -15.23 -11.29
C PRO B 24 -17.70 -15.06 -12.06
N ILE B 25 -17.08 -16.18 -12.43
CA ILE B 25 -15.90 -16.15 -13.29
C ILE B 25 -16.33 -16.05 -14.73
N LEU B 26 -15.98 -14.94 -15.38
CA LEU B 26 -16.41 -14.67 -16.75
C LEU B 26 -15.44 -15.26 -17.77
N TYR B 27 -15.93 -15.46 -18.99
CA TYR B 27 -15.10 -15.95 -20.07
C TYR B 27 -14.63 -14.82 -20.98
N SER B 28 -13.50 -15.04 -21.62
CA SER B 28 -13.00 -14.11 -22.62
C SER B 28 -13.74 -14.38 -23.92
N GLU B 29 -13.83 -13.37 -24.78
CA GLU B 29 -14.29 -13.60 -26.12
C GLU B 29 -13.43 -14.72 -26.67
N TYR B 30 -14.06 -15.64 -27.41
CA TYR B 30 -13.34 -16.79 -27.93
C TYR B 30 -12.69 -16.45 -29.27
N PRO B 35 -1.95 -16.57 -31.81
CA PRO B 35 -1.34 -15.82 -30.72
C PRO B 35 -1.70 -14.33 -30.76
N PHE B 36 -0.97 -13.49 -30.02
CA PHE B 36 -1.45 -12.13 -29.79
C PHE B 36 -0.55 -10.99 -30.28
N SER B 37 -1.20 -9.86 -30.58
CA SER B 37 -0.51 -8.61 -30.84
C SER B 37 -0.88 -7.67 -29.70
N GLU B 38 -0.33 -6.47 -29.71
CA GLU B 38 -0.68 -5.48 -28.71
C GLU B 38 -2.18 -5.17 -28.78
N ALA B 39 -2.65 -4.85 -29.97
CA ALA B 39 -4.04 -4.47 -30.17
C ALA B 39 -5.04 -5.57 -29.79
N SER B 40 -4.75 -6.81 -30.16
CA SER B 40 -5.67 -7.92 -29.89
C SER B 40 -5.67 -8.27 -28.41
N MET B 41 -4.48 -8.24 -27.80
CA MET B 41 -4.32 -8.50 -26.37
C MET B 41 -5.10 -7.48 -25.54
N MET B 42 -4.75 -6.20 -25.68
CA MET B 42 -5.44 -5.14 -24.96
C MET B 42 -6.93 -5.11 -25.26
N GLY B 43 -7.31 -5.54 -26.45
CA GLY B 43 -8.72 -5.64 -26.81
C GLY B 43 -9.44 -6.64 -25.93
N LEU B 44 -8.89 -7.85 -25.82
CA LEU B 44 -9.48 -8.90 -25.01
C LEU B 44 -9.58 -8.49 -23.54
N LEU B 45 -8.46 -8.04 -22.99
CA LEU B 45 -8.37 -7.69 -21.57
C LEU B 45 -9.32 -6.56 -21.16
N THR B 46 -9.37 -5.49 -21.96
CA THR B 46 -10.23 -4.37 -21.66
C THR B 46 -11.71 -4.72 -21.80
N ASN B 47 -12.04 -5.59 -22.75
CA ASN B 47 -13.41 -6.08 -22.91
C ASN B 47 -13.83 -6.86 -21.68
N LEU B 48 -12.93 -7.73 -21.20
CA LEU B 48 -13.16 -8.54 -20.02
C LEU B 48 -13.25 -7.68 -18.76
N ALA B 49 -12.29 -6.77 -18.59
CA ALA B 49 -12.27 -5.90 -17.42
C ALA B 49 -13.56 -5.09 -17.31
N ASP B 50 -14.09 -4.65 -18.44
CA ASP B 50 -15.32 -3.86 -18.45
C ASP B 50 -16.51 -4.69 -17.94
N ARG B 51 -16.56 -5.96 -18.33
CA ARG B 51 -17.63 -6.84 -17.87
C ARG B 51 -17.46 -7.17 -16.39
N GLU B 52 -16.22 -7.40 -15.96
CA GLU B 52 -15.95 -7.68 -14.55
C GLU B 52 -16.38 -6.52 -13.66
N LEU B 53 -16.17 -5.29 -14.16
CA LEU B 53 -16.52 -4.09 -13.41
C LEU B 53 -18.00 -4.05 -13.08
N VAL B 54 -18.83 -4.40 -14.05
CA VAL B 54 -20.28 -4.41 -13.85
C VAL B 54 -20.67 -5.40 -12.75
N HIS B 55 -20.04 -6.57 -12.75
CA HIS B 55 -20.29 -7.56 -11.72
C HIS B 55 -19.69 -7.13 -10.38
N MET B 56 -18.57 -6.40 -10.42
CA MET B 56 -17.94 -5.90 -9.20
C MET B 56 -18.87 -4.94 -8.47
N ILE B 57 -19.41 -3.96 -9.20
CA ILE B 57 -20.33 -2.99 -8.63
C ILE B 57 -21.49 -3.68 -7.93
N ASN B 58 -22.00 -4.76 -8.52
CA ASN B 58 -23.08 -5.51 -7.92
C ASN B 58 -22.64 -6.29 -6.68
N TRP B 59 -21.44 -6.87 -6.75
CA TRP B 59 -20.86 -7.54 -5.59
C TRP B 59 -20.72 -6.56 -4.43
N ALA B 60 -20.31 -5.34 -4.74
CA ALA B 60 -20.09 -4.31 -3.73
C ALA B 60 -21.33 -4.05 -2.90
N LYS B 61 -22.48 -3.92 -3.56
CA LYS B 61 -23.74 -3.65 -2.88
C LYS B 61 -24.12 -4.80 -1.95
N ARG B 62 -23.51 -5.95 -2.16
CA ARG B 62 -23.77 -7.13 -1.34
C ARG B 62 -22.78 -7.29 -0.21
N VAL B 63 -21.83 -6.35 -0.11
CA VAL B 63 -20.91 -6.34 1.01
C VAL B 63 -21.58 -5.67 2.20
N PRO B 64 -21.81 -6.44 3.27
CA PRO B 64 -22.52 -5.97 4.46
C PRO B 64 -21.96 -4.64 4.97
N GLY B 65 -22.82 -3.63 5.02
CA GLY B 65 -22.40 -2.32 5.48
C GLY B 65 -22.16 -1.34 4.35
N PHE B 66 -21.68 -1.82 3.22
CA PHE B 66 -21.41 -0.96 2.06
C PHE B 66 -22.60 -0.06 1.67
N VAL B 67 -23.81 -0.65 1.66
CA VAL B 67 -25.01 0.05 1.19
C VAL B 67 -25.59 1.03 2.22
N ASP B 68 -25.06 1.00 3.44
CA ASP B 68 -25.51 1.90 4.49
C ASP B 68 -24.87 3.29 4.31
N LEU B 69 -23.92 3.37 3.38
CA LEU B 69 -23.24 4.64 3.08
C LEU B 69 -24.05 5.45 2.09
N THR B 70 -23.84 6.77 2.08
CA THR B 70 -24.45 7.60 1.06
C THR B 70 -23.91 7.18 -0.30
N LEU B 71 -24.70 7.40 -1.34
CA LEU B 71 -24.28 7.07 -2.70
C LEU B 71 -22.91 7.65 -3.02
N HIS B 72 -22.69 8.89 -2.60
CA HIS B 72 -21.43 9.58 -2.86
C HIS B 72 -20.24 8.81 -2.29
N ASP B 73 -20.41 8.26 -1.09
CA ASP B 73 -19.35 7.49 -0.45
C ASP B 73 -19.11 6.16 -1.16
N GLN B 74 -20.18 5.52 -1.63
CA GLN B 74 -20.06 4.28 -2.39
C GLN B 74 -19.25 4.52 -3.64
N VAL B 75 -19.57 5.60 -4.35
CA VAL B 75 -18.83 5.97 -5.55
C VAL B 75 -17.36 6.18 -5.25
N HIS B 76 -17.08 6.93 -4.18
CA HIS B 76 -15.71 7.24 -3.80
C HIS B 76 -14.89 5.98 -3.53
N LEU B 77 -15.43 5.10 -2.69
CA LEU B 77 -14.75 3.86 -2.33
C LEU B 77 -14.46 2.99 -3.56
N LEU B 78 -15.46 2.83 -4.42
CA LEU B 78 -15.28 2.01 -5.62
C LEU B 78 -14.29 2.65 -6.60
N GLU B 79 -14.35 3.95 -6.74
CA GLU B 79 -13.43 4.66 -7.63
C GLU B 79 -11.99 4.46 -7.18
N CSO B 80 -11.78 4.44 -5.87
CA CSO B 80 -10.42 4.30 -5.36
CA CSO B 80 -10.43 4.28 -5.32
CB CSO B 80 -10.34 4.84 -3.92
CB CSO B 80 -10.39 4.73 -3.84
SG CSO B 80 -8.64 4.66 -3.34
SG CSO B 80 -10.61 6.51 -3.70
C CSO B 80 -9.92 2.86 -5.42
O CSO B 80 -8.74 2.63 -5.71
OD CSO B 80 -7.69 6.08 -3.84
OD CSO B 80 -9.04 7.33 -3.80
N ALA B 81 -10.80 1.90 -5.17
CA ALA B 81 -10.38 0.51 -5.02
C ALA B 81 -10.56 -0.42 -6.23
N TRP B 82 -11.22 0.05 -7.30
CA TRP B 82 -11.61 -0.85 -8.39
C TRP B 82 -10.47 -1.70 -8.99
N LEU B 83 -9.31 -1.11 -9.26
CA LEU B 83 -8.21 -1.87 -9.84
C LEU B 83 -7.61 -2.85 -8.85
N GLU B 84 -7.54 -2.44 -7.58
CA GLU B 84 -7.06 -3.33 -6.53
C GLU B 84 -7.93 -4.57 -6.44
N ILE B 85 -9.24 -4.39 -6.58
CA ILE B 85 -10.19 -5.47 -6.45
C ILE B 85 -10.14 -6.43 -7.65
N LEU B 86 -9.95 -5.87 -8.84
CA LEU B 86 -9.76 -6.68 -10.04
C LEU B 86 -8.49 -7.51 -9.89
N MET B 87 -7.40 -6.86 -9.47
CA MET B 87 -6.11 -7.52 -9.35
C MET B 87 -6.10 -8.68 -8.34
N ILE B 88 -6.67 -8.47 -7.16
CA ILE B 88 -6.68 -9.51 -6.14
C ILE B 88 -7.52 -10.71 -6.58
N GLY B 89 -8.60 -10.44 -7.31
CA GLY B 89 -9.41 -11.50 -7.88
C GLY B 89 -8.57 -12.29 -8.88
N LEU B 90 -7.91 -11.57 -9.79
CA LEU B 90 -7.02 -12.17 -10.76
C LEU B 90 -6.00 -13.10 -10.09
N VAL B 91 -5.30 -12.56 -9.09
CA VAL B 91 -4.28 -13.31 -8.37
C VAL B 91 -4.88 -14.55 -7.70
N TRP B 92 -6.04 -14.38 -7.08
CA TRP B 92 -6.69 -15.48 -6.37
C TRP B 92 -6.94 -16.70 -7.26
N ARG B 93 -7.57 -16.48 -8.42
CA ARG B 93 -7.92 -17.59 -9.31
C ARG B 93 -6.74 -18.08 -10.15
N SER B 94 -5.64 -17.33 -10.12
CA SER B 94 -4.40 -17.76 -10.76
C SER B 94 -3.57 -18.58 -9.78
N MET B 95 -3.96 -18.56 -8.52
CA MET B 95 -3.19 -19.17 -7.44
C MET B 95 -2.72 -20.60 -7.79
N GLU B 96 -3.62 -21.43 -8.31
CA GLU B 96 -3.32 -22.82 -8.61
C GLU B 96 -2.82 -23.03 -10.05
N HIS B 97 -2.32 -21.96 -10.66
CA HIS B 97 -1.68 -22.04 -11.95
C HIS B 97 -0.33 -21.30 -11.91
N PRO B 98 0.62 -21.85 -11.14
CA PRO B 98 1.96 -21.26 -10.98
C PRO B 98 2.56 -20.85 -12.33
N GLY B 99 3.04 -19.60 -12.41
CA GLY B 99 3.63 -19.08 -13.62
C GLY B 99 2.60 -18.49 -14.58
N LYS B 100 1.32 -18.70 -14.28
CA LYS B 100 0.26 -18.29 -15.18
C LYS B 100 -0.69 -17.27 -14.54
N LEU B 101 -1.25 -16.39 -15.37
CA LEU B 101 -2.29 -15.47 -14.94
C LEU B 101 -3.61 -15.88 -15.58
N LEU B 102 -4.53 -16.37 -14.76
CA LEU B 102 -5.81 -16.86 -15.26
C LEU B 102 -6.82 -15.72 -15.35
N PHE B 103 -6.75 -14.96 -16.43
CA PHE B 103 -7.69 -13.87 -16.66
C PHE B 103 -9.10 -14.41 -16.83
N ALA B 104 -9.21 -15.49 -17.58
CA ALA B 104 -10.47 -16.21 -17.75
C ALA B 104 -10.12 -17.68 -17.98
N PRO B 105 -11.09 -18.57 -17.78
CA PRO B 105 -10.79 -20.00 -17.97
C PRO B 105 -10.25 -20.27 -19.37
N ASN B 106 -10.69 -19.50 -20.36
CA ASN B 106 -10.23 -19.67 -21.72
C ASN B 106 -9.18 -18.63 -22.11
N LEU B 107 -8.67 -17.90 -21.11
CA LEU B 107 -7.60 -16.95 -21.34
C LEU B 107 -6.59 -16.98 -20.19
N LEU B 108 -5.70 -17.96 -20.26
CA LEU B 108 -4.67 -18.16 -19.24
C LEU B 108 -3.31 -17.79 -19.82
N LEU B 109 -2.78 -16.65 -19.41
CA LEU B 109 -1.56 -16.11 -20.00
C LEU B 109 -0.32 -16.30 -19.14
N ASP B 110 0.83 -16.46 -19.79
CA ASP B 110 2.10 -16.43 -19.09
C ASP B 110 2.88 -15.15 -19.39
N ARG B 111 4.04 -15.02 -18.74
CA ARG B 111 4.84 -13.79 -18.80
C ARG B 111 5.27 -13.37 -20.21
N ASN B 112 5.73 -14.31 -21.01
CA ASN B 112 6.14 -14.02 -22.38
C ASN B 112 5.02 -13.34 -23.17
N GLN B 113 3.79 -13.73 -22.87
CA GLN B 113 2.61 -13.10 -23.47
C GLN B 113 2.40 -11.69 -22.91
N GLY B 114 3.13 -11.36 -21.85
CA GLY B 114 3.05 -10.05 -21.23
C GLY B 114 3.95 -9.04 -21.90
N LYS B 115 4.89 -9.51 -22.72
CA LYS B 115 5.84 -8.64 -23.41
C LYS B 115 5.26 -8.12 -24.73
N CYS B 116 4.09 -8.62 -25.10
CA CYS B 116 3.44 -8.20 -26.34
C CYS B 116 2.84 -6.81 -26.18
N VAL B 117 2.60 -6.40 -24.94
CA VAL B 117 2.15 -5.04 -24.67
C VAL B 117 3.24 -4.25 -23.96
N GLU B 118 3.55 -3.08 -24.52
CA GLU B 118 4.57 -2.21 -23.97
C GLU B 118 4.22 -1.78 -22.54
N GLY B 119 5.14 -2.02 -21.60
CA GLY B 119 4.96 -1.64 -20.22
C GLY B 119 4.20 -2.65 -19.38
N MET B 120 3.80 -3.76 -20.01
CA MET B 120 2.92 -4.74 -19.37
C MET B 120 3.64 -5.80 -18.54
N VAL B 121 4.79 -6.27 -19.03
CA VAL B 121 5.47 -7.41 -18.41
C VAL B 121 5.90 -7.10 -16.98
N GLU B 122 6.17 -5.83 -16.70
CA GLU B 122 6.54 -5.41 -15.35
C GLU B 122 5.40 -5.67 -14.39
N ILE B 123 4.18 -5.40 -14.83
CA ILE B 123 2.99 -5.58 -14.00
C ILE B 123 2.64 -7.06 -13.85
N PHE B 124 2.78 -7.81 -14.94
CA PHE B 124 2.62 -9.26 -14.91
C PHE B 124 3.48 -9.88 -13.82
N ASP B 125 4.75 -9.48 -13.76
CA ASP B 125 5.70 -10.02 -12.81
C ASP B 125 5.26 -9.82 -11.35
N MET B 126 4.80 -8.61 -11.04
CA MET B 126 4.30 -8.32 -9.70
C MET B 126 3.08 -9.17 -9.37
N LEU B 127 2.16 -9.27 -10.34
CA LEU B 127 0.97 -10.09 -10.18
C LEU B 127 1.31 -11.56 -9.91
N LEU B 128 2.20 -12.11 -10.72
CA LEU B 128 2.65 -13.49 -10.55
C LEU B 128 3.32 -13.69 -9.18
N ALA B 129 4.08 -12.69 -8.75
CA ALA B 129 4.74 -12.73 -7.45
C ALA B 129 3.72 -12.83 -6.32
N THR B 130 2.69 -11.99 -6.37
CA THR B 130 1.62 -12.01 -5.38
C THR B 130 0.94 -13.37 -5.35
N SER B 131 0.68 -13.92 -6.54
CA SER B 131 0.03 -15.22 -6.65
C SER B 131 0.85 -16.30 -5.95
N SER B 132 2.16 -16.31 -6.20
CA SER B 132 3.06 -17.27 -5.57
C SER B 132 3.07 -17.12 -4.05
N ARG B 133 3.01 -15.87 -3.58
CA ARG B 133 2.98 -15.60 -2.14
C ARG B 133 1.70 -16.16 -1.50
N PHE B 134 0.56 -15.93 -2.14
CA PHE B 134 -0.73 -16.46 -1.69
C PHE B 134 -0.69 -17.97 -1.66
N ARG B 135 -0.20 -18.56 -2.74
CA ARG B 135 -0.08 -20.00 -2.86
C ARG B 135 0.69 -20.60 -1.66
N MET B 136 1.88 -20.06 -1.37
CA MET B 136 2.73 -20.56 -0.31
C MET B 136 2.23 -20.22 1.11
N MET B 137 1.30 -19.26 1.20
CA MET B 137 0.61 -18.95 2.45
C MET B 137 -0.61 -19.85 2.58
N ASN B 138 -0.93 -20.59 1.52
CA ASN B 138 -2.09 -21.47 1.51
C ASN B 138 -3.35 -20.68 1.86
N LEU B 139 -3.49 -19.54 1.21
CA LEU B 139 -4.64 -18.66 1.43
C LEU B 139 -5.93 -19.40 1.13
N GLN B 140 -6.91 -19.23 2.00
CA GLN B 140 -8.18 -19.91 1.86
C GLN B 140 -9.26 -18.98 1.31
N GLY B 141 -10.22 -19.54 0.59
CA GLY B 141 -11.30 -18.77 0.00
C GLY B 141 -12.01 -17.84 0.97
N GLU B 142 -12.24 -18.34 2.19
CA GLU B 142 -12.90 -17.54 3.22
C GLU B 142 -12.06 -16.34 3.62
N GLU B 143 -10.74 -16.55 3.66
CA GLU B 143 -9.81 -15.46 3.95
C GLU B 143 -9.77 -14.48 2.79
N PHE B 144 -9.76 -15.01 1.56
CA PHE B 144 -9.71 -14.20 0.36
C PHE B 144 -10.85 -13.18 0.30
N VAL B 145 -12.08 -13.64 0.54
CA VAL B 145 -13.23 -12.75 0.48
C VAL B 145 -13.19 -11.67 1.55
N CYS B 146 -12.64 -11.99 2.72
CA CYS B 146 -12.46 -11.00 3.77
C CYS B 146 -11.51 -9.92 3.32
N LEU B 147 -10.40 -10.33 2.70
CA LEU B 147 -9.39 -9.40 2.20
C LEU B 147 -9.96 -8.49 1.11
N LYS B 148 -10.63 -9.09 0.13
CA LYS B 148 -11.26 -8.32 -0.93
C LYS B 148 -12.20 -7.27 -0.35
N SER B 149 -12.92 -7.64 0.69
CA SER B 149 -13.86 -6.73 1.35
C SER B 149 -13.13 -5.59 2.07
N ILE B 150 -12.01 -5.92 2.72
CA ILE B 150 -11.21 -4.92 3.42
C ILE B 150 -10.69 -3.87 2.44
N ILE B 151 -10.24 -4.31 1.27
CA ILE B 151 -9.75 -3.41 0.24
C ILE B 151 -10.81 -2.39 -0.17
N LEU B 152 -12.05 -2.85 -0.31
CA LEU B 152 -13.16 -2.00 -0.71
C LEU B 152 -13.42 -0.86 0.27
N LEU B 153 -13.43 -1.18 1.56
CA LEU B 153 -13.77 -0.21 2.58
C LEU B 153 -12.58 0.63 3.03
N ASN B 154 -11.38 0.08 2.91
CA ASN B 154 -10.19 0.76 3.44
C ASN B 154 -9.51 1.72 2.47
N SER B 155 -9.36 1.30 1.22
CA SER B 155 -8.55 2.04 0.25
C SER B 155 -8.90 3.52 0.11
N GLY B 156 -10.19 3.86 0.26
CA GLY B 156 -10.60 5.24 0.08
C GLY B 156 -11.05 5.95 1.34
N VAL B 157 -10.88 5.29 2.49
CA VAL B 157 -11.45 5.80 3.74
C VAL B 157 -10.73 7.02 4.32
N TYR B 158 -9.39 7.02 4.28
CA TYR B 158 -8.64 8.13 4.86
C TYR B 158 -8.66 9.36 3.97
N THR B 159 -9.29 9.23 2.80
CA THR B 159 -9.35 10.35 1.89
C THR B 159 -10.76 10.92 1.80
N PHE B 160 -11.53 10.72 2.87
CA PHE B 160 -12.83 11.35 2.99
C PHE B 160 -12.67 12.74 3.63
N LYS B 171 -17.28 7.66 8.68
CA LYS B 171 -15.98 7.03 8.82
C LYS B 171 -15.96 6.02 9.97
N ASP B 172 -16.53 6.38 11.11
CA ASP B 172 -16.66 5.48 12.24
C ASP B 172 -17.42 4.22 11.84
N HIS B 173 -18.41 4.39 10.97
CA HIS B 173 -19.18 3.28 10.44
C HIS B 173 -18.29 2.31 9.68
N ILE B 174 -17.43 2.85 8.82
CA ILE B 174 -16.54 2.04 7.99
C ILE B 174 -15.48 1.32 8.84
N HIS B 175 -14.98 2.00 9.87
CA HIS B 175 -13.99 1.42 10.77
C HIS B 175 -14.63 0.37 11.69
N ARG B 176 -15.87 0.61 12.10
CA ARG B 176 -16.64 -0.41 12.83
C ARG B 176 -16.75 -1.68 11.99
N VAL B 177 -17.13 -1.51 10.71
CA VAL B 177 -17.24 -2.64 9.79
C VAL B 177 -15.88 -3.27 9.52
N LEU B 178 -14.86 -2.45 9.30
CA LEU B 178 -13.50 -2.96 9.11
C LEU B 178 -13.05 -3.79 10.30
N ASP B 179 -13.36 -3.31 11.51
CA ASP B 179 -13.07 -4.05 12.72
C ASP B 179 -13.80 -5.39 12.73
N LYS B 180 -15.06 -5.37 12.31
CA LYS B 180 -15.86 -6.59 12.23
C LYS B 180 -15.24 -7.61 11.30
N ILE B 181 -14.71 -7.16 10.17
CA ILE B 181 -14.07 -8.05 9.21
C ILE B 181 -12.78 -8.62 9.80
N THR B 182 -12.08 -7.80 10.58
CA THR B 182 -10.89 -8.27 11.28
C THR B 182 -11.28 -9.40 12.23
N ASP B 183 -12.31 -9.15 13.03
CA ASP B 183 -12.82 -10.17 13.94
C ASP B 183 -13.13 -11.46 13.19
N THR B 184 -13.66 -11.32 11.98
CA THR B 184 -14.04 -12.47 11.16
C THR B 184 -12.82 -13.26 10.69
N LEU B 185 -11.73 -12.54 10.39
CA LEU B 185 -10.50 -13.19 9.92
C LEU B 185 -9.85 -14.03 11.01
N ILE B 186 -9.74 -13.47 12.21
CA ILE B 186 -9.17 -14.20 13.34
C ILE B 186 -10.02 -15.43 13.64
N HIS B 187 -11.33 -15.25 13.62
CA HIS B 187 -12.28 -16.33 13.83
C HIS B 187 -11.97 -17.51 12.92
N LEU B 188 -11.84 -17.24 11.63
CA LEU B 188 -11.51 -18.25 10.63
C LEU B 188 -10.22 -18.98 11.00
N MET B 189 -9.27 -18.22 11.56
CA MET B 189 -7.98 -18.77 11.94
C MET B 189 -8.05 -19.66 13.19
N ALA B 190 -8.74 -19.19 14.22
CA ALA B 190 -8.94 -20.01 15.40
C ALA B 190 -9.52 -21.36 15.00
N LYS B 191 -10.46 -21.34 14.06
CA LYS B 191 -11.08 -22.55 13.54
C LYS B 191 -10.04 -23.52 12.97
N ALA B 192 -9.23 -23.03 12.03
CA ALA B 192 -8.23 -23.86 11.39
C ALA B 192 -7.25 -24.45 12.39
N GLY B 193 -7.34 -23.98 13.64
CA GLY B 193 -6.56 -24.55 14.72
C GLY B 193 -5.26 -23.83 15.00
N LEU B 194 -5.16 -22.59 14.55
CA LEU B 194 -3.94 -21.81 14.75
C LEU B 194 -3.82 -21.30 16.19
N THR B 195 -2.59 -21.30 16.68
CA THR B 195 -2.29 -20.77 18.01
C THR B 195 -2.38 -19.25 18.00
N LEU B 196 -2.66 -18.66 19.15
CA LEU B 196 -2.75 -17.21 19.26
C LEU B 196 -1.64 -16.51 18.49
N GLN B 197 -0.42 -17.00 18.64
CA GLN B 197 0.75 -16.38 18.02
C GLN B 197 0.76 -16.54 16.51
N GLN B 198 0.29 -17.69 16.03
CA GLN B 198 0.17 -17.92 14.60
C GLN B 198 -0.94 -17.06 14.02
N GLN B 199 -1.96 -16.79 14.83
CA GLN B 199 -3.08 -15.97 14.40
C GLN B 199 -2.65 -14.54 14.11
N HIS B 200 -2.00 -13.88 15.06
CA HIS B 200 -1.59 -12.49 14.85
C HIS B 200 -0.45 -12.36 13.83
N GLN B 201 0.33 -13.43 13.67
CA GLN B 201 1.37 -13.46 12.64
C GLN B 201 0.78 -13.63 11.24
N ARG B 202 -0.25 -14.47 11.11
CA ARG B 202 -0.90 -14.66 9.82
C ARG B 202 -1.70 -13.41 9.44
N LEU B 203 -2.43 -12.85 10.40
CA LEU B 203 -3.19 -11.63 10.17
C LEU B 203 -2.30 -10.54 9.58
N ALA B 204 -1.12 -10.36 10.18
CA ALA B 204 -0.16 -9.35 9.73
C ALA B 204 0.35 -9.66 8.33
N GLN B 205 0.72 -10.92 8.11
CA GLN B 205 1.22 -11.34 6.81
C GLN B 205 0.22 -11.03 5.70
N LEU B 206 -1.05 -11.33 5.97
CA LEU B 206 -2.11 -11.09 4.99
C LEU B 206 -2.30 -9.60 4.70
N LEU B 207 -2.36 -8.79 5.75
CA LEU B 207 -2.63 -7.37 5.60
C LEU B 207 -1.47 -6.61 4.97
N LEU B 208 -0.26 -7.12 5.12
CA LEU B 208 0.92 -6.49 4.53
C LEU B 208 0.95 -6.66 3.01
N ILE B 209 0.33 -7.73 2.53
CA ILE B 209 0.25 -7.99 1.10
C ILE B 209 -0.68 -6.98 0.43
N LEU B 210 -1.67 -6.50 1.18
CA LEU B 210 -2.54 -5.44 0.69
C LEU B 210 -1.75 -4.20 0.29
N SER B 211 -0.61 -3.99 0.95
CA SER B 211 0.26 -2.87 0.62
C SER B 211 0.86 -3.05 -0.77
N HIS B 212 1.23 -4.27 -1.09
CA HIS B 212 1.78 -4.59 -2.39
CA HIS B 212 1.78 -4.59 -2.40
C HIS B 212 0.70 -4.52 -3.46
N ILE B 213 -0.51 -4.90 -3.08
CA ILE B 213 -1.65 -4.84 -3.99
C ILE B 213 -1.94 -3.38 -4.36
N ARG B 214 -1.85 -2.49 -3.38
CA ARG B 214 -2.03 -1.07 -3.65
C ARG B 214 -0.97 -0.56 -4.61
N HIS B 215 0.26 -1.05 -4.44
CA HIS B 215 1.37 -0.64 -5.28
C HIS B 215 1.16 -1.11 -6.72
N MET B 216 0.73 -2.36 -6.87
CA MET B 216 0.43 -2.89 -8.19
C MET B 216 -0.67 -2.09 -8.87
N SER B 217 -1.68 -1.70 -8.09
CA SER B 217 -2.78 -0.88 -8.61
C SER B 217 -2.26 0.44 -9.15
N ASN B 218 -1.44 1.12 -8.37
CA ASN B 218 -0.87 2.40 -8.76
C ASN B 218 -0.06 2.30 -10.05
N LYS B 219 0.77 1.27 -10.16
CA LYS B 219 1.52 1.03 -11.38
C LYS B 219 0.60 0.70 -12.56
N GLY B 220 -0.40 -0.13 -12.30
CA GLY B 220 -1.36 -0.51 -13.31
C GLY B 220 -2.13 0.69 -13.84
N MET B 221 -2.49 1.60 -12.94
CA MET B 221 -3.26 2.77 -13.31
C MET B 221 -2.45 3.68 -14.25
N GLU B 222 -1.17 3.85 -13.93
CA GLU B 222 -0.25 4.60 -14.80
C GLU B 222 -0.14 3.94 -16.15
N HIS B 223 0.07 2.62 -16.16
CA HIS B 223 0.18 1.86 -17.39
C HIS B 223 -1.06 2.05 -18.26
N LEU B 224 -2.23 1.89 -17.63
CA LEU B 224 -3.52 2.02 -18.31
C LEU B 224 -3.69 3.41 -18.92
N TYR B 225 -3.29 4.43 -18.15
CA TYR B 225 -3.36 5.82 -18.59
C TYR B 225 -2.46 6.05 -19.81
N SER B 226 -1.28 5.43 -19.79
CA SER B 226 -0.33 5.55 -20.89
C SER B 226 -0.83 4.87 -22.17
N MET B 227 -1.61 3.81 -22.01
CA MET B 227 -2.14 3.07 -23.15
C MET B 227 -3.34 3.80 -23.73
N LYS B 228 -4.15 4.43 -22.87
CA LYS B 228 -5.16 5.35 -23.35
C LYS B 228 -4.53 6.46 -24.19
N CSO B 229 -3.42 7.00 -23.69
CA CSO B 229 -2.70 8.04 -24.40
CB CSO B 229 -1.58 8.61 -23.54
SG CSO B 229 -2.31 9.61 -22.23
C CSO B 229 -2.16 7.58 -25.75
O CSO B 229 -2.13 8.35 -26.70
OD CSO B 229 -2.73 11.22 -22.85
N LYS B 230 -1.73 6.33 -25.83
CA LYS B 230 -1.19 5.78 -27.07
C LYS B 230 -2.31 5.35 -28.01
N ASN B 231 -3.55 5.50 -27.55
CA ASN B 231 -4.74 5.18 -28.32
C ASN B 231 -4.59 3.86 -29.06
N VAL B 232 -4.10 2.85 -28.33
CA VAL B 232 -3.84 1.52 -28.88
C VAL B 232 -5.16 0.80 -29.14
N VAL B 233 -6.10 0.99 -28.22
CA VAL B 233 -7.43 0.43 -28.29
C VAL B 233 -8.36 1.44 -27.63
N PRO B 234 -9.60 1.57 -28.12
CA PRO B 234 -10.49 2.45 -27.35
C PRO B 234 -10.96 1.75 -26.09
N LEU B 235 -11.19 2.51 -25.02
CA LEU B 235 -11.71 1.96 -23.79
C LEU B 235 -13.20 2.25 -23.68
N SER B 236 -13.93 1.41 -22.95
CA SER B 236 -15.34 1.68 -22.69
C SER B 236 -15.47 2.96 -21.89
N ASP B 237 -16.65 3.58 -21.95
CA ASP B 237 -16.90 4.80 -21.20
C ASP B 237 -16.75 4.54 -19.71
N LEU B 238 -17.19 3.37 -19.26
CA LEU B 238 -17.11 2.98 -17.86
C LEU B 238 -15.65 2.89 -17.39
N LEU B 239 -14.81 2.22 -18.17
CA LEU B 239 -13.42 2.03 -17.82
C LEU B 239 -12.67 3.37 -17.81
N LEU B 240 -12.98 4.22 -18.78
CA LEU B 240 -12.40 5.54 -18.87
C LEU B 240 -12.79 6.40 -17.67
N GLU B 241 -14.03 6.23 -17.23
CA GLU B 241 -14.58 6.94 -16.10
C GLU B 241 -13.89 6.53 -14.80
N MET B 242 -13.66 5.24 -14.65
CA MET B 242 -12.97 4.72 -13.46
C MET B 242 -11.51 5.17 -13.45
N LEU B 243 -10.89 5.19 -14.63
CA LEU B 243 -9.51 5.61 -14.75
C LEU B 243 -9.36 7.10 -14.43
N ASP B 244 -10.31 7.89 -14.90
CA ASP B 244 -10.24 9.35 -14.79
C ASP B 244 -10.34 9.81 -13.33
N ALA B 245 -11.05 9.03 -12.52
CA ALA B 245 -11.21 9.37 -11.09
C ALA B 245 -9.88 9.39 -10.34
N HIS B 246 -8.80 9.03 -11.05
CA HIS B 246 -7.49 8.91 -10.43
C HIS B 246 -6.48 10.01 -10.84
N ARG B 247 -6.97 11.08 -11.43
CA ARG B 247 -6.13 12.23 -11.78
C ARG B 247 -6.93 13.54 -11.83
N LYS C 3 27.43 5.24 -7.85
CA LYS C 3 26.03 5.19 -7.44
C LYS C 3 25.90 5.45 -5.93
N ILE C 4 25.46 6.66 -5.60
CA ILE C 4 25.54 7.22 -4.25
C ILE C 4 25.01 6.37 -3.09
N LEU C 5 23.84 5.75 -3.27
CA LEU C 5 23.26 4.92 -2.22
C LEU C 5 24.17 3.74 -1.89
N HIS C 6 24.59 3.03 -2.92
CA HIS C 6 25.53 1.92 -2.81
C HIS C 6 26.72 2.33 -1.96
N ARG C 7 27.20 3.55 -2.20
CA ARG C 7 28.38 4.08 -1.54
C ARG C 7 28.12 4.37 -0.06
N LEU C 8 26.97 4.96 0.23
CA LEU C 8 26.61 5.33 1.59
C LEU C 8 26.35 4.09 2.45
N LEU C 9 25.80 3.05 1.85
CA LEU C 9 25.53 1.80 2.55
C LEU C 9 26.84 1.10 2.95
N GLN C 10 27.86 1.25 2.12
CA GLN C 10 29.17 0.69 2.42
C GLN C 10 29.90 1.54 3.45
N GLU C 11 29.56 2.84 3.48
CA GLU C 11 30.14 3.78 4.43
C GLU C 11 31.62 4.01 4.17
N LYS D 3 -22.40 10.33 -13.93
CA LYS D 3 -21.45 9.23 -14.05
C LYS D 3 -22.17 7.89 -14.23
N ILE D 4 -21.57 7.02 -15.04
CA ILE D 4 -22.13 5.69 -15.31
C ILE D 4 -22.14 4.87 -14.02
N LEU D 5 -21.15 5.11 -13.18
CA LEU D 5 -21.04 4.41 -11.90
C LEU D 5 -22.25 4.71 -11.02
N HIS D 6 -22.65 5.98 -10.97
CA HIS D 6 -23.84 6.39 -10.24
C HIS D 6 -25.04 5.55 -10.67
N ARG D 7 -25.31 5.50 -11.97
CA ARG D 7 -26.43 4.74 -12.50
C ARG D 7 -26.36 3.30 -12.06
N LEU D 8 -25.23 2.65 -12.34
CA LEU D 8 -25.06 1.23 -12.03
C LEU D 8 -25.28 0.90 -10.56
N LEU D 9 -24.94 1.82 -9.66
CA LEU D 9 -25.04 1.59 -8.23
C LEU D 9 -26.47 1.67 -7.73
N GLN D 10 -27.29 2.39 -8.46
CA GLN D 10 -28.69 2.55 -8.10
C GLN D 10 -29.55 1.53 -8.83
N GLU D 11 -28.90 0.50 -9.36
CA GLU D 11 -29.55 -0.56 -10.15
C GLU D 11 -30.30 0.00 -11.37
CAM 0CZ E . 10.13 15.14 -1.03
CAI 0CZ E . 11.14 15.40 -1.96
CAQ 0CZ E . 11.24 16.66 -2.54
OAA 0CZ E . 12.21 16.92 -3.44
CAJ 0CZ E . 10.32 17.65 -2.19
CAN 0CZ E . 9.32 17.39 -1.28
CAS 0CZ E . 9.23 16.14 -0.69
CAW 0CZ E . 8.11 15.82 0.32
CAU 0CZ E . 7.31 14.64 -0.23
FAD 0CZ E . 6.83 14.95 -1.43
FAE 0CZ E . 8.11 13.58 -0.35
FAC 0CZ E . 6.31 14.32 0.58
CAV 0CZ E . 7.21 17.03 0.56
FAG 0CZ E . 6.63 17.40 -0.58
FAH 0CZ E . 6.27 16.71 1.45
FAF 0CZ E . 7.93 18.04 1.04
CAT 0CZ E . 8.77 15.45 1.67
CAO 0CZ E . 8.22 14.49 2.50
CAK 0CZ E . 8.83 14.17 3.71
CAR 0CZ E . 9.99 14.84 4.10
OAB 0CZ E . 10.59 14.54 5.28
CAL 0CZ E . 10.54 15.80 3.27
CAP 0CZ E . 9.94 16.12 2.06
CAM 0CZ F . -4.20 -5.26 -17.06
CAI 0CZ F . -2.81 -5.14 -16.95
CAQ 0CZ F . -2.24 -3.88 -16.82
OAA 0CZ F . -0.89 -3.77 -16.70
CAJ 0CZ F . -3.03 -2.75 -16.81
CAN 0CZ F . -4.41 -2.87 -16.93
CAS 0CZ F . -5.00 -4.13 -17.05
CAW 0CZ F . -6.52 -4.27 -17.20
CAU 0CZ F . -6.78 -4.36 -18.70
FAD 0CZ F . -6.32 -3.26 -19.28
FAE 0CZ F . -6.13 -5.41 -19.19
FAC 0CZ F . -8.07 -4.47 -18.96
CAV 0CZ F . -7.24 -3.05 -16.62
FAG 0CZ F . -6.93 -1.95 -17.27
FAH 0CZ F . -8.56 -3.23 -16.72
FAF 0CZ F . -6.94 -2.92 -15.33
CAT 0CZ F . -7.08 -5.49 -16.47
CAO 0CZ F . -8.14 -6.23 -17.01
CAK 0CZ F . -8.65 -7.34 -16.36
CAR 0CZ F . -8.11 -7.71 -15.14
OAB 0CZ F . -8.61 -8.80 -14.49
CAL 0CZ F . -7.06 -7.00 -14.58
CAP 0CZ F . -6.56 -5.89 -15.24
#